data_6AA9
#
_entry.id   6AA9
#
_cell.length_a   108.310
_cell.length_b   46.140
_cell.length_c   99.280
_cell.angle_alpha   90.00
_cell.angle_beta   100.80
_cell.angle_gamma   90.00
#
_symmetry.space_group_name_H-M   'C 1 2 1'
#
loop_
_entity.id
_entity.type
_entity.pdbx_description
1 polymer 'D-serine dehydratase'
2 non-polymer 'SODIUM ION'
3 non-polymer 'PHOSPHATE ION'
4 water water
#
_entity_poly.entity_id   1
_entity_poly.type   'polypeptide(L)'
_entity_poly.pdbx_seq_one_letter_code
;MENIQKLIARYPLVEDLVALKETTWFNPGATSLAQGLPYVGLTEQDVNAAHDRLARFAPYLAKAFPQTAAAGGMIESDVV
AIPAMQKRLEKEYGQTINGEMLLKKDSHLAISGSI(LLP)ARGGIYEVLTHAEKLALEAGLLTTDDDYSVLLSPEFKQFF
SQYSIAVGSAGNLGLSIGIMSACIGFKVTVHMSADARAWKKAKLRSHGVTVVEYEDDYGVAVEQGRKAAQSDPNCFFIDD
ENSRTLFLGYAVAGQRLKAQFAQQGRVVDASHPLFVYLPCGVGGGPGGVAFGLKLAFGDNVHCFFAEPTHSPCMLLGVYT
GLHDAISVQDIGIDNLTAADGLAVGRASGFVGRAMERLLDGLYTLDDQTMYDMLGWLAQEEGIRLEPSALAGMAGPQRIC
ASVAYQQRHGFSQTQLGNATHLVWATGGGMVPEDEMEQYLAKGRLEHHHHHH
;
_entity_poly.pdbx_strand_id   A
#
# COMPACT_ATOMS: atom_id res chain seq x y z
N GLU A 2 -31.51 -4.20 -13.53
CA GLU A 2 -30.44 -3.48 -14.28
C GLU A 2 -30.58 -1.97 -14.14
N ASN A 3 -30.34 -1.48 -12.92
CA ASN A 3 -30.38 -0.04 -12.64
C ASN A 3 -29.00 0.63 -12.68
N ILE A 4 -27.98 -0.12 -13.10
CA ILE A 4 -26.62 0.40 -13.25
C ILE A 4 -26.46 1.26 -14.50
N GLN A 5 -27.38 1.11 -15.45
CA GLN A 5 -27.38 1.90 -16.69
C GLN A 5 -27.60 3.40 -16.43
N LYS A 6 -28.30 3.73 -15.34
CA LYS A 6 -28.53 5.13 -14.96
C LYS A 6 -27.23 5.87 -14.66
N LEU A 7 -26.36 5.23 -13.89
CA LEU A 7 -25.05 5.80 -13.55
C LEU A 7 -24.14 5.96 -14.77
N ILE A 8 -24.25 5.01 -15.71
CA ILE A 8 -23.45 5.03 -16.93
C ILE A 8 -23.72 6.23 -17.82
N ALA A 9 -24.89 6.85 -17.66
CA ALA A 9 -25.25 8.05 -18.42
C ALA A 9 -24.41 9.26 -18.01
N ARG A 10 -24.48 9.64 -16.74
CA ARG A 10 -23.76 10.81 -16.23
C ARG A 10 -22.25 10.57 -16.08
N TYR A 11 -21.86 9.31 -15.93
CA TYR A 11 -20.45 8.96 -15.73
C TYR A 11 -19.96 8.01 -16.84
N PRO A 12 -19.51 8.57 -17.98
CA PRO A 12 -19.03 7.80 -19.15
C PRO A 12 -18.06 6.66 -18.84
N LEU A 13 -17.09 6.93 -17.97
CA LEU A 13 -16.05 5.94 -17.64
C LEU A 13 -16.60 4.68 -16.96
N VAL A 14 -17.76 4.79 -16.31
CA VAL A 14 -18.42 3.65 -15.68
C VAL A 14 -18.78 2.54 -16.68
N GLU A 15 -18.95 2.90 -17.94
CA GLU A 15 -19.14 1.94 -19.04
C GLU A 15 -17.91 1.03 -19.20
N ASP A 16 -16.73 1.63 -19.24
CA ASP A 16 -15.48 0.89 -19.40
C ASP A 16 -15.18 -0.01 -18.20
N LEU A 17 -15.49 0.48 -17.00
CA LEU A 17 -15.25 -0.29 -15.78
C LEU A 17 -16.15 -1.53 -15.72
N VAL A 18 -17.42 -1.37 -16.09
CA VAL A 18 -18.37 -2.48 -16.13
C VAL A 18 -18.01 -3.50 -17.22
N ALA A 19 -17.41 -3.02 -18.31
CA ALA A 19 -16.96 -3.88 -19.41
C ALA A 19 -15.61 -4.56 -19.12
N LEU A 20 -14.99 -4.23 -17.99
CA LEU A 20 -13.66 -4.72 -17.62
C LEU A 20 -12.60 -4.21 -18.61
N LYS A 21 -12.70 -2.94 -18.97
CA LYS A 21 -11.75 -2.29 -19.87
C LYS A 21 -10.61 -1.67 -19.07
N GLU A 22 -9.38 -1.87 -19.53
CA GLU A 22 -8.21 -1.25 -18.89
C GLU A 22 -8.32 0.27 -19.02
N THR A 23 -8.66 0.90 -17.90
CA THR A 23 -9.01 2.32 -17.88
C THR A 23 -7.89 3.14 -17.27
N THR A 24 -7.74 4.37 -17.74
CA THR A 24 -6.75 5.31 -17.22
C THR A 24 -7.41 6.67 -17.07
N TRP A 25 -7.67 7.07 -15.83
CA TRP A 25 -8.38 8.32 -15.53
C TRP A 25 -7.46 9.30 -14.81
N PHE A 26 -7.21 10.45 -15.45
CA PHE A 26 -6.39 11.49 -14.85
C PHE A 26 -7.29 12.51 -14.17
N ASN A 27 -6.95 12.83 -12.92
CA ASN A 27 -7.78 13.70 -12.09
C ASN A 27 -7.73 15.15 -12.55
N PRO A 28 -8.86 15.68 -13.03
CA PRO A 28 -8.88 17.11 -13.36
C PRO A 28 -8.90 17.99 -12.11
N GLY A 29 -9.50 17.47 -11.03
CA GLY A 29 -9.54 18.17 -9.74
C GLY A 29 -8.44 17.71 -8.81
N ALA A 30 -7.20 17.83 -9.28
CA ALA A 30 -6.01 17.56 -8.47
C ALA A 30 -5.25 18.87 -8.32
N THR A 31 -4.61 19.06 -7.17
CA THR A 31 -4.00 20.34 -6.83
C THR A 31 -2.73 20.20 -5.98
N SER A 32 -2.24 21.34 -5.48
CA SER A 32 -1.04 21.40 -4.65
C SER A 32 -1.26 20.82 -3.26
N LEU A 33 -0.16 20.68 -2.51
CA LEU A 33 -0.19 20.17 -1.16
C LEU A 33 -1.04 21.06 -0.24
N ALA A 34 -0.79 22.36 -0.31
CA ALA A 34 -1.50 23.34 0.53
C ALA A 34 -3.01 23.24 0.38
N GLN A 35 -3.48 23.05 -0.85
CA GLN A 35 -4.91 22.94 -1.13
C GLN A 35 -5.49 21.55 -0.82
N GLY A 36 -4.66 20.52 -0.95
CA GLY A 36 -5.08 19.16 -0.59
C GLY A 36 -5.09 18.89 0.92
N LEU A 37 -4.20 19.56 1.64
CA LEU A 37 -3.92 19.23 3.04
C LEU A 37 -5.13 19.24 3.99
N PRO A 38 -5.97 20.30 3.93
CA PRO A 38 -7.06 20.40 4.92
C PRO A 38 -8.09 19.28 4.87
N TYR A 39 -8.22 18.63 3.72
CA TYR A 39 -9.18 17.54 3.56
C TYR A 39 -8.68 16.22 4.14
N VAL A 40 -7.37 16.11 4.35
CA VAL A 40 -6.77 14.84 4.71
C VAL A 40 -7.22 14.37 6.10
N GLY A 41 -7.48 15.33 6.99
CA GLY A 41 -7.83 15.02 8.38
C GLY A 41 -6.60 14.80 9.25
N LEU A 42 -5.43 14.76 8.61
CA LEU A 42 -4.16 14.60 9.30
C LEU A 42 -3.23 15.76 8.92
N THR A 43 -2.14 15.88 9.67
CA THR A 43 -1.17 16.95 9.49
C THR A 43 0.22 16.33 9.44
N GLU A 44 1.25 17.16 9.27
CA GLU A 44 2.62 16.67 9.27
C GLU A 44 3.02 16.19 10.67
N GLN A 45 2.65 16.95 11.69
CA GLN A 45 2.94 16.56 13.08
C GLN A 45 2.47 15.15 13.40
N ASP A 46 1.28 14.80 12.93
CA ASP A 46 0.74 13.45 13.11
C ASP A 46 1.70 12.40 12.53
N VAL A 47 2.34 12.74 11.41
CA VAL A 47 3.36 11.89 10.81
C VAL A 47 4.65 11.93 11.63
N ASN A 48 5.02 13.12 12.11
CA ASN A 48 6.19 13.27 12.99
C ASN A 48 6.06 12.43 14.26
N ALA A 49 4.86 12.39 14.83
CA ALA A 49 4.58 11.51 15.96
C ALA A 49 4.80 10.06 15.57
N ALA A 50 4.29 9.66 14.41
CA ALA A 50 4.45 8.29 13.91
C ALA A 50 5.91 7.93 13.67
N HIS A 51 6.68 8.87 13.13
CA HIS A 51 8.11 8.66 12.92
CA HIS A 51 8.11 8.66 12.92
C HIS A 51 8.84 8.42 14.25
N ASP A 52 8.50 9.23 15.25
CA ASP A 52 9.13 9.14 16.57
C ASP A 52 8.56 8.00 17.41
N ARG A 53 7.38 7.50 17.05
CA ARG A 53 6.84 6.30 17.65
C ARG A 53 7.72 5.11 17.26
N LEU A 54 7.94 4.97 15.96
CA LEU A 54 8.76 3.90 15.41
C LEU A 54 10.24 4.04 15.80
N ALA A 55 10.67 5.27 16.06
CA ALA A 55 12.02 5.52 16.58
C ALA A 55 12.15 5.01 18.02
N ARG A 56 11.07 5.12 18.80
CA ARG A 56 11.04 4.58 20.17
C ARG A 56 10.98 3.06 20.21
N PHE A 57 10.29 2.45 19.25
CA PHE A 57 10.18 0.99 19.18
C PHE A 57 11.36 0.32 18.48
N ALA A 58 12.25 1.12 17.90
CA ALA A 58 13.42 0.58 17.19
C ALA A 58 14.28 -0.37 18.02
N PRO A 59 14.53 -0.06 19.31
CA PRO A 59 15.26 -1.01 20.15
C PRO A 59 14.49 -2.30 20.45
N TYR A 60 13.17 -2.20 20.57
CA TYR A 60 12.33 -3.38 20.76
C TYR A 60 12.39 -4.29 19.53
N LEU A 61 12.08 -3.72 18.36
CA LEU A 61 12.02 -4.47 17.11
C LEU A 61 13.39 -5.03 16.70
N ALA A 62 14.44 -4.31 17.03
CA ALA A 62 15.81 -4.77 16.78
C ALA A 62 16.04 -6.17 17.33
N LYS A 63 15.73 -6.36 18.61
CA LYS A 63 15.90 -7.64 19.28
C LYS A 63 14.85 -8.66 18.83
N ALA A 64 13.59 -8.23 18.78
CA ALA A 64 12.46 -9.11 18.47
C ALA A 64 12.66 -9.84 17.14
N PHE A 65 12.79 -9.06 16.07
CA PHE A 65 13.06 -9.61 14.74
C PHE A 65 14.44 -9.13 14.29
N PRO A 66 15.47 -9.99 14.44
CA PRO A 66 16.83 -9.64 13.99
C PRO A 66 16.92 -9.17 12.52
N GLN A 67 15.99 -9.61 11.68
CA GLN A 67 15.90 -9.14 10.29
C GLN A 67 15.88 -7.61 10.15
N THR A 68 15.35 -6.92 11.18
CA THR A 68 15.41 -5.46 11.23
C THR A 68 16.80 -5.01 11.67
N MET A 74 14.02 -0.13 12.34
CA MET A 74 13.28 0.47 11.23
C MET A 74 12.81 -0.60 10.25
N ILE A 75 11.49 -0.66 10.06
CA ILE A 75 10.89 -1.54 9.04
C ILE A 75 10.88 -0.77 7.72
N GLU A 76 11.97 -0.87 6.98
CA GLU A 76 12.15 -0.15 5.73
C GLU A 76 12.72 -1.02 4.61
N SER A 77 12.30 -0.71 3.39
CA SER A 77 12.75 -1.42 2.20
C SER A 77 13.72 -0.58 1.40
N ASP A 78 14.55 -1.26 0.60
CA ASP A 78 15.48 -0.58 -0.29
C ASP A 78 14.73 0.00 -1.48
N VAL A 79 15.41 0.88 -2.21
CA VAL A 79 14.90 1.36 -3.49
C VAL A 79 15.99 1.14 -4.54
N VAL A 80 15.61 0.54 -5.66
CA VAL A 80 16.56 0.11 -6.66
C VAL A 80 16.11 0.52 -8.06
N ALA A 81 17.06 0.91 -8.89
CA ALA A 81 16.77 1.23 -10.28
C ALA A 81 16.51 -0.07 -11.00
N ILE A 82 15.50 -0.07 -11.88
CA ILE A 82 15.15 -1.25 -12.67
C ILE A 82 15.16 -0.89 -14.15
N PRO A 83 16.35 -0.59 -14.68
CA PRO A 83 16.48 -0.11 -16.06
C PRO A 83 16.23 -1.18 -17.12
N ALA A 84 16.54 -2.43 -16.81
CA ALA A 84 16.34 -3.53 -17.74
C ALA A 84 14.85 -3.83 -17.90
N MET A 85 14.11 -3.74 -16.79
CA MET A 85 12.65 -3.87 -16.81
C MET A 85 12.03 -2.74 -17.63
N GLN A 86 12.59 -1.53 -17.50
CA GLN A 86 12.11 -0.37 -18.25
C GLN A 86 12.08 -0.67 -19.75
N LYS A 87 13.21 -1.09 -20.30
CA LYS A 87 13.33 -1.43 -21.73
C LYS A 87 12.40 -2.57 -22.15
N ARG A 88 12.20 -3.55 -21.25
CA ARG A 88 11.32 -4.69 -21.52
C ARG A 88 9.86 -4.25 -21.67
N LEU A 89 9.43 -3.33 -20.81
CA LEU A 89 8.09 -2.73 -20.92
C LEU A 89 7.98 -1.92 -22.22
N GLU A 90 9.03 -1.17 -22.55
CA GLU A 90 9.06 -0.39 -23.78
C GLU A 90 8.85 -1.29 -25.00
N LYS A 91 9.48 -2.46 -24.99
CA LYS A 91 9.37 -3.42 -26.08
C LYS A 91 7.96 -4.01 -26.17
N GLU A 92 7.52 -4.62 -25.06
CA GLU A 92 6.26 -5.37 -25.06
C GLU A 92 5.02 -4.53 -25.37
N TYR A 93 4.91 -3.37 -24.74
CA TYR A 93 3.73 -2.51 -24.92
C TYR A 93 3.94 -1.35 -25.90
N GLY A 94 5.20 -1.09 -26.27
CA GLY A 94 5.50 -0.09 -27.31
C GLY A 94 5.89 1.28 -26.77
N GLN A 95 5.11 1.80 -25.83
CA GLN A 95 5.26 3.17 -25.34
C GLN A 95 6.61 3.39 -24.65
N THR A 96 7.26 4.51 -25.00
CA THR A 96 8.56 4.87 -24.42
C THR A 96 8.39 5.39 -23.00
N ILE A 97 9.34 5.03 -22.14
CA ILE A 97 9.34 5.46 -20.74
C ILE A 97 10.46 6.47 -20.52
N ASN A 98 10.09 7.74 -20.38
CA ASN A 98 11.07 8.81 -20.23
C ASN A 98 11.52 8.92 -18.77
N GLY A 99 12.82 8.98 -18.56
CA GLY A 99 13.40 9.05 -17.21
C GLY A 99 13.84 7.69 -16.70
N GLU A 100 14.30 7.65 -15.46
CA GLU A 100 14.67 6.40 -14.80
C GLU A 100 13.45 5.77 -14.14
N MET A 101 13.41 4.44 -14.14
CA MET A 101 12.39 3.71 -13.40
C MET A 101 13.02 3.11 -12.14
N LEU A 102 12.36 3.27 -11.00
CA LEU A 102 12.82 2.72 -9.74
C LEU A 102 11.77 1.81 -9.13
N LEU A 103 12.23 0.81 -8.38
CA LEU A 103 11.33 -0.12 -7.69
C LEU A 103 11.47 0.03 -6.18
N LYS A 104 10.37 0.37 -5.52
CA LYS A 104 10.31 0.37 -4.06
C LYS A 104 9.92 -1.04 -3.64
N LYS A 105 10.78 -1.70 -2.87
CA LYS A 105 10.61 -3.11 -2.57
C LYS A 105 10.01 -3.34 -1.18
N ASP A 106 8.84 -2.75 -0.92
CA ASP A 106 8.10 -3.01 0.31
C ASP A 106 7.68 -4.49 0.41
N SER A 107 7.69 -5.18 -0.71
CA SER A 107 7.58 -6.64 -0.76
C SER A 107 8.60 -7.38 0.11
N HIS A 108 9.76 -6.76 0.35
CA HIS A 108 10.82 -7.37 1.17
C HIS A 108 11.01 -6.69 2.54
N LEU A 109 9.92 -6.22 3.13
CA LEU A 109 9.95 -5.70 4.50
C LEU A 109 9.98 -6.85 5.51
N ALA A 110 10.59 -6.60 6.66
CA ALA A 110 10.60 -7.56 7.77
C ALA A 110 9.19 -7.82 8.29
N ILE A 111 9.03 -8.94 9.01
CA ILE A 111 7.78 -9.28 9.70
C ILE A 111 6.75 -9.94 8.80
N SER A 112 6.30 -9.22 7.76
CA SER A 112 5.24 -9.74 6.88
C SER A 112 5.50 -9.61 5.37
N GLY A 113 6.71 -9.22 4.97
CA GLY A 113 7.07 -9.09 3.56
C GLY A 113 6.00 -8.43 2.70
N SER A 114 5.52 -7.28 3.16
CA SER A 114 4.43 -6.58 2.48
C SER A 114 4.32 -5.14 2.94
N ILE A 115 3.49 -4.36 2.25
CA ILE A 115 3.24 -2.97 2.61
C ILE A 115 2.58 -2.86 3.98
N ALA A 117 3.27 -4.29 6.60
CA ALA A 117 4.31 -4.17 7.60
C ALA A 117 4.43 -2.74 8.15
N ARG A 118 4.10 -1.75 7.32
CA ARG A 118 4.04 -0.35 7.76
C ARG A 118 2.78 -0.07 8.58
N GLY A 119 1.62 -0.32 7.98
CA GLY A 119 0.33 -0.02 8.61
C GLY A 119 0.01 -0.96 9.75
N GLY A 120 0.07 -2.26 9.46
CA GLY A 120 -0.22 -3.30 10.45
C GLY A 120 0.60 -3.18 11.72
N ILE A 121 1.93 -3.26 11.59
CA ILE A 121 2.81 -3.16 12.75
C ILE A 121 2.53 -1.89 13.55
N TYR A 122 2.45 -0.75 12.88
CA TYR A 122 2.26 0.54 13.55
C TYR A 122 0.97 0.58 14.37
N GLU A 123 -0.11 0.00 13.81
CA GLU A 123 -1.37 -0.11 14.53
C GLU A 123 -1.19 -0.90 15.83
N VAL A 124 -0.50 -2.03 15.73
CA VAL A 124 -0.27 -2.89 16.88
C VAL A 124 0.59 -2.19 17.91
N LEU A 125 1.71 -1.63 17.47
CA LEU A 125 2.66 -0.97 18.36
C LEU A 125 2.06 0.25 19.06
N THR A 126 1.26 1.03 18.33
CA THR A 126 0.62 2.22 18.90
C THR A 126 -0.45 1.85 19.93
N HIS A 127 -1.20 0.79 19.66
CA HIS A 127 -2.17 0.26 20.61
C HIS A 127 -1.47 -0.30 21.86
N ALA A 128 -0.38 -1.03 21.66
CA ALA A 128 0.39 -1.60 22.76
C ALA A 128 1.06 -0.51 23.60
N GLU A 129 1.62 0.50 22.94
CA GLU A 129 2.22 1.63 23.64
C GLU A 129 1.16 2.33 24.50
N LYS A 130 0.02 2.66 23.89
CA LYS A 130 -1.02 3.44 24.56
C LYS A 130 -1.38 2.81 25.90
N LEU A 131 -1.65 1.51 25.88
CA LEU A 131 -1.99 0.76 27.08
C LEU A 131 -0.87 0.86 28.11
N ALA A 132 0.36 0.57 27.69
CA ALA A 132 1.52 0.59 28.59
C ALA A 132 1.72 1.94 29.27
N LEU A 133 1.50 3.02 28.52
CA LEU A 133 1.56 4.38 29.07
C LEU A 133 0.41 4.62 30.04
N GLU A 134 -0.78 4.18 29.67
CA GLU A 134 -1.97 4.37 30.50
C GLU A 134 -1.90 3.58 31.82
N ALA A 135 -1.23 2.44 31.79
CA ALA A 135 -1.05 1.62 32.99
C ALA A 135 0.08 2.11 33.89
N GLY A 136 0.85 3.10 33.43
CA GLY A 136 1.96 3.66 34.21
C GLY A 136 3.14 2.71 34.33
N LEU A 137 3.28 1.80 33.37
CA LEU A 137 4.40 0.85 33.34
C LEU A 137 5.53 1.31 32.41
N LEU A 138 5.27 2.35 31.63
CA LEU A 138 6.22 2.84 30.64
C LEU A 138 6.10 4.36 30.51
N THR A 139 7.18 4.99 30.02
CA THR A 139 7.13 6.39 29.57
C THR A 139 7.74 6.47 28.17
N THR A 140 7.59 7.63 27.53
CA THR A 140 8.17 7.84 26.21
C THR A 140 9.69 8.04 26.27
N ASP A 141 10.23 8.26 27.47
CA ASP A 141 11.67 8.37 27.68
C ASP A 141 12.35 7.04 28.03
N ASP A 142 11.57 6.02 28.36
CA ASP A 142 12.12 4.69 28.64
C ASP A 142 12.67 4.04 27.37
N ASP A 143 13.60 3.11 27.55
CA ASP A 143 14.06 2.23 26.47
C ASP A 143 13.01 1.15 26.29
N TYR A 144 12.44 1.07 25.09
CA TYR A 144 11.30 0.19 24.81
C TYR A 144 11.66 -1.30 24.73
N SER A 145 12.94 -1.62 24.91
CA SER A 145 13.36 -3.01 25.09
C SER A 145 12.72 -3.64 26.33
N VAL A 146 12.40 -2.82 27.33
CA VAL A 146 11.64 -3.28 28.52
C VAL A 146 10.41 -4.12 28.16
N LEU A 147 9.75 -3.77 27.06
CA LEU A 147 8.51 -4.41 26.64
C LEU A 147 8.66 -5.90 26.28
N LEU A 148 9.89 -6.40 26.21
CA LEU A 148 10.14 -7.82 26.01
C LEU A 148 10.13 -8.65 27.30
N SER A 149 10.07 -7.99 28.46
CA SER A 149 10.16 -8.70 29.75
C SER A 149 8.96 -9.61 30.01
N PRO A 150 9.14 -10.62 30.89
CA PRO A 150 8.02 -11.47 31.30
C PRO A 150 6.85 -10.73 31.96
N GLU A 151 7.15 -9.65 32.69
CA GLU A 151 6.11 -8.82 33.32
C GLU A 151 5.25 -8.13 32.26
N PHE A 152 5.90 -7.62 31.22
CA PHE A 152 5.19 -6.95 30.11
C PHE A 152 4.45 -7.94 29.22
N LYS A 153 5.01 -9.11 28.99
CA LYS A 153 4.30 -10.18 28.26
C LYS A 153 3.01 -10.52 29.00
N GLN A 154 3.11 -10.60 30.32
CA GLN A 154 1.97 -10.86 31.19
C GLN A 154 0.97 -9.69 31.15
N PHE A 155 1.48 -8.47 31.07
CA PHE A 155 0.64 -7.29 30.91
C PHE A 155 -0.16 -7.35 29.62
N PHE A 156 0.51 -7.71 28.52
CA PHE A 156 -0.13 -7.76 27.21
C PHE A 156 -1.10 -8.94 27.07
N SER A 157 -0.78 -10.07 27.70
CA SER A 157 -1.67 -11.23 27.69
C SER A 157 -3.06 -10.89 28.25
N GLN A 158 -3.11 -9.95 29.20
CA GLN A 158 -4.38 -9.43 29.69
C GLN A 158 -5.28 -8.86 28.59
N TYR A 159 -4.69 -8.27 27.56
CA TYR A 159 -5.44 -7.72 26.43
C TYR A 159 -5.42 -8.69 25.25
N SER A 160 -6.19 -8.35 24.22
CA SER A 160 -6.30 -9.19 23.03
C SER A 160 -6.55 -8.38 21.76
N ILE A 161 -6.11 -8.94 20.63
CA ILE A 161 -6.30 -8.33 19.32
C ILE A 161 -6.99 -9.33 18.40
N ALA A 162 -7.80 -8.82 17.48
CA ALA A 162 -8.54 -9.67 16.54
C ALA A 162 -8.61 -9.02 15.17
N VAL A 163 -8.57 -9.85 14.13
CA VAL A 163 -8.68 -9.36 12.76
C VAL A 163 -9.31 -10.40 11.84
N GLY A 164 -10.12 -9.92 10.89
CA GLY A 164 -10.64 -10.74 9.81
C GLY A 164 -9.85 -10.46 8.55
N SER A 165 -8.88 -11.33 8.26
CA SER A 165 -8.04 -11.17 7.07
C SER A 165 -7.32 -12.48 6.71
N ALA A 166 -7.41 -12.85 5.43
CA ALA A 166 -6.71 -14.02 4.90
C ALA A 166 -5.38 -13.66 4.25
N GLY A 167 -4.98 -12.38 4.34
CA GLY A 167 -3.77 -11.88 3.68
C GLY A 167 -2.82 -11.15 4.59
N ASN A 168 -2.15 -10.15 4.04
CA ASN A 168 -1.04 -9.47 4.73
C ASN A 168 -1.43 -8.61 5.92
N LEU A 169 -2.70 -8.22 6.00
CA LEU A 169 -3.19 -7.48 7.16
C LEU A 169 -3.16 -8.40 8.37
N GLY A 170 -3.86 -9.54 8.26
CA GLY A 170 -3.90 -10.53 9.33
C GLY A 170 -2.56 -11.16 9.58
N LEU A 171 -1.72 -11.22 8.54
CA LEU A 171 -0.37 -11.71 8.67
C LEU A 171 0.50 -10.74 9.48
N SER A 172 0.36 -9.44 9.21
CA SER A 172 1.16 -8.42 9.89
C SER A 172 0.69 -8.22 11.33
N ILE A 173 -0.59 -7.93 11.49
CA ILE A 173 -1.18 -7.75 12.81
C ILE A 173 -0.95 -9.02 13.64
N GLY A 174 -1.22 -10.17 13.04
CA GLY A 174 -1.06 -11.45 13.71
C GLY A 174 0.31 -11.64 14.32
N ILE A 175 1.34 -11.55 13.48
CA ILE A 175 2.72 -11.77 13.89
C ILE A 175 3.17 -10.74 14.94
N MET A 176 2.89 -9.47 14.68
CA MET A 176 3.32 -8.38 15.55
C MET A 176 2.60 -8.45 16.89
N SER A 177 1.29 -8.67 16.86
CA SER A 177 0.48 -8.76 18.08
C SER A 177 0.95 -9.88 19.01
N ALA A 178 1.37 -10.99 18.43
CA ALA A 178 1.85 -12.14 19.22
C ALA A 178 3.20 -11.85 19.86
N CYS A 179 4.10 -11.23 19.09
CA CYS A 179 5.43 -10.84 19.57
C CYS A 179 5.35 -9.86 20.75
N ILE A 180 4.36 -8.99 20.72
CA ILE A 180 4.08 -8.08 21.84
C ILE A 180 3.62 -8.88 23.07
N GLY A 181 2.66 -9.77 22.89
CA GLY A 181 2.15 -10.59 24.00
C GLY A 181 0.64 -10.78 24.02
N PHE A 182 -0.08 -9.95 23.27
CA PHE A 182 -1.55 -10.05 23.14
C PHE A 182 -2.05 -11.46 22.83
N LYS A 183 -3.28 -11.75 23.27
CA LYS A 183 -4.03 -12.88 22.73
C LYS A 183 -4.49 -12.48 21.32
N VAL A 184 -3.95 -13.15 20.31
CA VAL A 184 -4.24 -12.80 18.92
C VAL A 184 -5.14 -13.85 18.29
N THR A 185 -6.14 -13.39 17.55
CA THR A 185 -7.07 -14.27 16.85
C THR A 185 -7.34 -13.72 15.45
N VAL A 186 -6.90 -14.47 14.43
CA VAL A 186 -7.13 -14.08 13.04
C VAL A 186 -8.13 -15.05 12.41
N HIS A 187 -9.34 -14.55 12.15
CA HIS A 187 -10.40 -15.35 11.54
C HIS A 187 -10.11 -15.47 10.04
N MET A 188 -10.32 -16.66 9.49
CA MET A 188 -9.92 -16.95 8.12
C MET A 188 -10.80 -18.02 7.49
N SER A 189 -10.90 -18.00 6.17
CA SER A 189 -11.58 -19.05 5.42
C SER A 189 -10.65 -20.26 5.33
N ALA A 190 -11.24 -21.45 5.29
CA ALA A 190 -10.46 -22.68 5.20
C ALA A 190 -9.85 -22.87 3.81
N ASP A 191 -10.38 -22.17 2.80
CA ASP A 191 -9.83 -22.21 1.45
C ASP A 191 -8.53 -21.42 1.29
N ALA A 192 -8.16 -20.63 2.30
CA ALA A 192 -6.90 -19.89 2.29
C ALA A 192 -5.69 -20.83 2.35
N ARG A 193 -4.55 -20.34 1.88
CA ARG A 193 -3.34 -21.15 1.76
C ARG A 193 -2.79 -21.55 3.12
N ALA A 194 -2.41 -22.82 3.25
CA ALA A 194 -1.96 -23.39 4.51
C ALA A 194 -0.70 -22.73 5.07
N TRP A 195 0.15 -22.22 4.19
CA TRP A 195 1.42 -21.62 4.64
C TRP A 195 1.21 -20.39 5.53
N LYS A 196 0.19 -19.60 5.21
CA LYS A 196 -0.16 -18.43 6.01
C LYS A 196 -0.74 -18.80 7.38
N LYS A 197 -1.49 -19.90 7.43
CA LYS A 197 -1.96 -20.44 8.69
C LYS A 197 -0.77 -20.93 9.50
N ALA A 198 0.15 -21.60 8.82
CA ALA A 198 1.38 -22.11 9.46
C ALA A 198 2.30 -20.99 9.95
N LYS A 199 2.42 -19.94 9.15
CA LYS A 199 3.21 -18.77 9.54
C LYS A 199 2.67 -18.13 10.82
N LEU A 200 1.35 -17.98 10.88
CA LEU A 200 0.70 -17.36 12.04
C LEU A 200 0.85 -18.19 13.30
N ARG A 201 0.56 -19.48 13.19
CA ARG A 201 0.57 -20.38 14.34
C ARG A 201 1.97 -20.64 14.90
N SER A 202 3.01 -20.45 14.10
CA SER A 202 4.39 -20.56 14.61
C SER A 202 4.79 -19.40 15.53
N HIS A 203 4.04 -18.30 15.48
CA HIS A 203 4.21 -17.18 16.40
C HIS A 203 3.23 -17.23 17.57
N GLY A 204 2.38 -18.25 17.61
CA GLY A 204 1.41 -18.43 18.69
C GLY A 204 0.08 -17.72 18.45
N VAL A 205 -0.32 -17.64 17.19
CA VAL A 205 -1.58 -16.99 16.81
C VAL A 205 -2.67 -18.04 16.69
N THR A 206 -3.87 -17.68 17.16
CA THR A 206 -5.03 -18.54 17.04
C THR A 206 -5.77 -18.25 15.73
N VAL A 207 -5.58 -19.12 14.74
CA VAL A 207 -6.27 -19.01 13.46
C VAL A 207 -7.56 -19.83 13.52
N VAL A 208 -8.70 -19.14 13.44
CA VAL A 208 -10.02 -19.78 13.46
C VAL A 208 -10.53 -19.90 12.03
N GLU A 209 -10.84 -21.12 11.61
CA GLU A 209 -11.22 -21.41 10.23
C GLU A 209 -12.72 -21.64 10.06
N TYR A 210 -13.29 -21.07 9.01
CA TYR A 210 -14.71 -21.22 8.67
C TYR A 210 -14.86 -21.69 7.22
N GLU A 211 -16.11 -21.95 6.83
CA GLU A 211 -16.44 -22.31 5.45
C GLU A 211 -17.65 -21.52 4.97
N ASP A 228 -17.32 -6.66 23.36
CA ASP A 228 -16.21 -7.13 24.19
C ASP A 228 -15.20 -5.99 24.44
N PRO A 229 -15.10 -5.51 25.70
CA PRO A 229 -14.29 -4.32 25.97
C PRO A 229 -12.77 -4.53 25.99
N ASN A 230 -12.32 -5.79 25.96
CA ASN A 230 -10.90 -6.11 26.03
C ASN A 230 -10.25 -6.40 24.66
N CYS A 231 -11.08 -6.58 23.62
CA CYS A 231 -10.61 -7.00 22.31
C CYS A 231 -10.57 -5.86 21.30
N PHE A 232 -9.38 -5.61 20.74
CA PHE A 232 -9.18 -4.53 19.77
C PHE A 232 -9.27 -5.06 18.33
N PHE A 233 -10.23 -4.54 17.56
CA PHE A 233 -10.39 -4.91 16.14
C PHE A 233 -9.64 -3.93 15.25
N ILE A 234 -9.03 -4.43 14.17
CA ILE A 234 -8.14 -3.63 13.33
C ILE A 234 -8.88 -2.58 12.49
N ASP A 235 -9.76 -3.06 11.60
CA ASP A 235 -10.53 -2.21 10.67
C ASP A 235 -9.67 -1.38 9.70
N ASP A 236 -9.53 -1.87 8.48
CA ASP A 236 -8.77 -1.16 7.44
C ASP A 236 -9.58 -0.04 6.75
N GLU A 237 -10.91 -0.09 6.86
CA GLU A 237 -11.77 0.90 6.19
C GLU A 237 -11.74 2.30 6.80
N ASN A 238 -11.54 2.38 8.11
CA ASN A 238 -11.60 3.67 8.81
C ASN A 238 -10.30 4.12 9.52
N SER A 239 -9.52 3.16 10.01
CA SER A 239 -8.38 3.46 10.88
C SER A 239 -7.39 4.49 10.30
N ARG A 240 -7.30 5.65 10.95
CA ARG A 240 -6.29 6.67 10.61
C ARG A 240 -4.89 6.23 11.07
N THR A 241 -4.82 5.39 12.10
CA THR A 241 -3.55 4.87 12.59
C THR A 241 -2.79 4.12 11.49
N LEU A 242 -3.51 3.25 10.77
CA LEU A 242 -2.91 2.55 9.62
C LEU A 242 -2.40 3.56 8.60
N PHE A 243 -3.25 4.52 8.25
CA PHE A 243 -2.93 5.56 7.28
C PHE A 243 -1.64 6.29 7.63
N LEU A 244 -1.55 6.76 8.88
CA LEU A 244 -0.37 7.48 9.35
C LEU A 244 0.88 6.60 9.40
N GLY A 245 0.70 5.31 9.67
CA GLY A 245 1.79 4.35 9.64
C GLY A 245 2.39 4.20 8.25
N TYR A 246 1.54 4.20 7.23
CA TYR A 246 2.00 4.17 5.84
C TYR A 246 2.74 5.47 5.48
N ALA A 247 2.22 6.60 5.95
CA ALA A 247 2.78 7.93 5.66
C ALA A 247 4.23 8.12 6.12
N VAL A 248 4.68 7.30 7.07
CA VAL A 248 6.06 7.33 7.54
C VAL A 248 7.06 6.99 6.41
N ALA A 249 6.59 6.27 5.38
CA ALA A 249 7.44 5.93 4.23
C ALA A 249 8.03 7.16 3.50
N GLY A 250 7.25 8.23 3.43
CA GLY A 250 7.63 9.43 2.69
C GLY A 250 8.99 10.01 3.07
N GLN A 251 9.17 10.32 4.35
CA GLN A 251 10.40 10.96 4.82
C GLN A 251 11.60 10.00 4.70
N ARG A 252 11.36 8.70 4.89
CA ARG A 252 12.41 7.69 4.69
C ARG A 252 12.88 7.65 3.23
N LEU A 253 11.95 7.67 2.29
CA LEU A 253 12.29 7.66 0.86
C LEU A 253 13.16 8.86 0.50
N LYS A 254 12.85 10.02 1.06
CA LYS A 254 13.63 11.25 0.85
C LYS A 254 15.09 11.08 1.26
N ALA A 255 15.31 10.37 2.37
CA ALA A 255 16.66 10.09 2.85
C ALA A 255 17.40 9.15 1.92
N GLN A 256 16.70 8.12 1.43
CA GLN A 256 17.27 7.19 0.44
C GLN A 256 17.68 7.94 -0.83
N PHE A 257 16.79 8.78 -1.31
CA PHE A 257 17.05 9.59 -2.50
C PHE A 257 18.24 10.53 -2.31
N ALA A 258 18.38 11.08 -1.11
CA ALA A 258 19.52 11.96 -0.80
C ALA A 258 20.83 11.18 -0.80
N GLN A 259 20.81 9.97 -0.23
CA GLN A 259 21.98 9.09 -0.21
C GLN A 259 22.43 8.67 -1.62
N GLN A 260 21.46 8.48 -2.51
CA GLN A 260 21.74 8.01 -3.88
C GLN A 260 21.97 9.15 -4.88
N GLY A 261 22.02 10.40 -4.39
CA GLY A 261 22.23 11.55 -5.25
C GLY A 261 21.10 11.77 -6.26
N ARG A 262 19.86 11.50 -5.82
CA ARG A 262 18.69 11.58 -6.68
C ARG A 262 17.87 12.82 -6.37
N VAL A 263 17.60 13.62 -7.40
CA VAL A 263 16.94 14.91 -7.27
C VAL A 263 15.45 14.83 -7.60
N VAL A 264 14.61 15.39 -6.73
CA VAL A 264 13.19 15.52 -6.98
C VAL A 264 12.85 17.01 -7.03
N ASP A 265 12.46 17.48 -8.21
CA ASP A 265 12.36 18.91 -8.50
C ASP A 265 11.32 19.18 -9.58
N ALA A 266 11.15 20.46 -9.93
CA ALA A 266 10.37 20.82 -11.10
C ALA A 266 11.04 20.28 -12.36
N SER A 267 12.36 20.42 -12.42
CA SER A 267 13.15 19.89 -13.53
C SER A 267 13.23 18.35 -13.53
N HIS A 268 13.14 17.75 -12.34
CA HIS A 268 13.20 16.30 -12.19
C HIS A 268 11.96 15.82 -11.42
N PRO A 269 10.83 15.61 -12.12
CA PRO A 269 9.61 15.22 -11.41
C PRO A 269 9.66 13.78 -10.90
N LEU A 270 8.92 13.50 -9.83
CA LEU A 270 8.81 12.16 -9.28
C LEU A 270 7.37 11.65 -9.44
N PHE A 271 7.18 10.68 -10.32
CA PHE A 271 5.89 10.01 -10.46
C PHE A 271 5.90 8.74 -9.63
N VAL A 272 4.83 8.49 -8.88
CA VAL A 272 4.75 7.33 -7.99
C VAL A 272 3.50 6.51 -8.29
N TYR A 273 3.66 5.20 -8.43
CA TYR A 273 2.57 4.32 -8.83
C TYR A 273 2.28 3.28 -7.76
N LEU A 274 1.10 3.40 -7.15
CA LEU A 274 0.78 2.71 -5.91
C LEU A 274 -0.40 1.74 -6.06
N PRO A 275 -0.19 0.43 -5.82
CA PRO A 275 -1.29 -0.54 -5.76
C PRO A 275 -2.34 -0.16 -4.70
N CYS A 276 -3.61 -0.42 -5.01
CA CYS A 276 -4.72 -0.01 -4.14
C CYS A 276 -5.75 -1.12 -3.90
N GLY A 277 -5.96 -1.44 -2.61
CA GLY A 277 -6.97 -2.40 -2.18
C GLY A 277 -8.18 -1.63 -1.68
N VAL A 278 -8.26 -1.43 -0.36
CA VAL A 278 -9.27 -0.55 0.22
C VAL A 278 -8.87 0.92 0.05
N GLY A 279 -7.57 1.21 0.13
CA GLY A 279 -7.05 2.57 -0.09
C GLY A 279 -6.02 3.06 0.92
N GLY A 280 -6.04 2.50 2.13
CA GLY A 280 -5.18 2.96 3.22
C GLY A 280 -3.70 2.99 2.88
N GLY A 281 -3.20 1.86 2.39
CA GLY A 281 -1.81 1.73 1.95
C GLY A 281 -1.34 2.85 1.05
N PRO A 282 -1.82 2.88 -0.20
CA PRO A 282 -1.38 3.88 -1.17
C PRO A 282 -1.73 5.32 -0.78
N GLY A 283 -2.84 5.50 -0.08
CA GLY A 283 -3.23 6.82 0.42
C GLY A 283 -2.22 7.38 1.41
N GLY A 284 -1.97 6.61 2.48
CA GLY A 284 -1.01 7.00 3.50
C GLY A 284 0.38 7.28 2.93
N VAL A 285 0.87 6.38 2.09
CA VAL A 285 2.15 6.55 1.41
C VAL A 285 2.16 7.85 0.59
N ALA A 286 1.07 8.09 -0.15
CA ALA A 286 0.98 9.28 -1.00
C ALA A 286 0.97 10.59 -0.21
N PHE A 287 0.35 10.55 0.98
CA PHE A 287 0.33 11.71 1.87
C PHE A 287 1.72 12.02 2.37
N GLY A 288 2.40 10.99 2.89
CA GLY A 288 3.76 11.14 3.40
C GLY A 288 4.75 11.60 2.34
N LEU A 289 4.58 11.10 1.11
CA LEU A 289 5.40 11.52 -0.01
C LEU A 289 5.13 12.98 -0.37
N LYS A 290 3.86 13.34 -0.41
CA LYS A 290 3.45 14.72 -0.66
C LYS A 290 4.06 15.69 0.37
N LEU A 291 4.04 15.30 1.64
CA LEU A 291 4.67 16.09 2.72
C LEU A 291 6.18 16.21 2.51
N ALA A 292 6.79 15.12 2.05
CA ALA A 292 8.24 15.07 1.86
C ALA A 292 8.71 15.87 0.63
N PHE A 293 8.12 15.59 -0.53
CA PHE A 293 8.61 16.12 -1.80
C PHE A 293 7.76 17.26 -2.39
N GLY A 294 6.69 17.64 -1.70
CA GLY A 294 5.85 18.76 -2.12
C GLY A 294 5.06 18.44 -3.38
N ASP A 295 4.91 19.44 -4.26
CA ASP A 295 4.10 19.30 -5.46
C ASP A 295 4.86 18.69 -6.64
N ASN A 296 6.15 18.38 -6.43
CA ASN A 296 6.94 17.70 -7.46
C ASN A 296 6.84 16.17 -7.38
N VAL A 297 6.12 15.66 -6.40
CA VAL A 297 5.68 14.26 -6.40
C VAL A 297 4.29 14.19 -7.03
N HIS A 298 4.04 13.11 -7.76
CA HIS A 298 2.80 12.96 -8.54
C HIS A 298 2.31 11.53 -8.44
N CYS A 299 1.40 11.28 -7.51
CA CYS A 299 1.02 9.93 -7.12
C CYS A 299 -0.16 9.40 -7.94
N PHE A 300 -0.17 8.08 -8.15
CA PHE A 300 -1.24 7.40 -8.88
C PHE A 300 -1.64 6.10 -8.18
N PHE A 301 -2.93 5.79 -8.23
CA PHE A 301 -3.46 4.54 -7.67
C PHE A 301 -3.64 3.52 -8.79
N ALA A 302 -3.30 2.26 -8.48
CA ALA A 302 -3.45 1.17 -9.44
C ALA A 302 -4.34 0.08 -8.85
N GLU A 303 -5.35 -0.34 -9.60
CA GLU A 303 -6.31 -1.35 -9.15
C GLU A 303 -6.56 -2.39 -10.24
N PRO A 304 -7.08 -3.58 -9.88
CA PRO A 304 -7.48 -4.53 -10.91
C PRO A 304 -8.77 -4.10 -11.60
N THR A 305 -8.96 -4.50 -12.86
CA THR A 305 -10.18 -4.20 -13.61
C THR A 305 -11.40 -4.80 -12.94
N HIS A 306 -11.22 -5.93 -12.24
CA HIS A 306 -12.31 -6.59 -11.53
C HIS A 306 -12.59 -6.02 -10.14
N SER A 307 -11.71 -5.16 -9.63
CA SER A 307 -11.94 -4.49 -8.33
C SER A 307 -11.49 -3.02 -8.36
N PRO A 308 -12.17 -2.17 -9.15
CA PRO A 308 -11.82 -0.76 -9.26
C PRO A 308 -12.61 0.15 -8.30
N CYS A 309 -12.62 -0.19 -7.03
CA CYS A 309 -13.44 0.51 -6.04
C CYS A 309 -13.02 1.96 -5.81
N MET A 310 -11.72 2.20 -5.65
CA MET A 310 -11.22 3.56 -5.42
C MET A 310 -11.30 4.42 -6.68
N LEU A 311 -11.12 3.82 -7.85
CA LEU A 311 -11.33 4.53 -9.11
C LEU A 311 -12.81 4.82 -9.30
N LEU A 312 -13.65 3.83 -9.05
CA LEU A 312 -15.10 3.98 -9.14
C LEU A 312 -15.61 5.02 -8.13
N GLY A 313 -15.08 4.97 -6.92
CA GLY A 313 -15.51 5.87 -5.85
C GLY A 313 -15.10 7.32 -6.03
N VAL A 314 -13.87 7.53 -6.50
CA VAL A 314 -13.36 8.88 -6.74
C VAL A 314 -13.99 9.51 -7.97
N TYR A 315 -14.04 8.75 -9.07
CA TYR A 315 -14.55 9.27 -10.35
C TYR A 315 -16.00 9.70 -10.26
N THR A 316 -16.84 8.86 -9.65
CA THR A 316 -18.24 9.17 -9.45
C THR A 316 -18.45 10.18 -8.32
N GLY A 317 -17.56 10.15 -7.33
CA GLY A 317 -17.68 11.00 -6.15
C GLY A 317 -18.50 10.37 -5.05
N LEU A 318 -18.97 9.15 -5.29
CA LEU A 318 -19.83 8.43 -4.34
C LEU A 318 -19.00 7.68 -3.29
N HIS A 319 -17.72 7.47 -3.59
CA HIS A 319 -16.77 6.86 -2.66
C HIS A 319 -17.32 5.54 -2.09
N ASP A 320 -17.53 5.46 -0.77
CA ASP A 320 -17.98 4.23 -0.12
C ASP A 320 -19.47 3.91 -0.33
N ALA A 321 -20.23 4.87 -0.84
CA ALA A 321 -21.65 4.64 -1.15
C ALA A 321 -21.83 3.62 -2.26
N ILE A 322 -21.00 3.71 -3.30
CA ILE A 322 -21.06 2.77 -4.42
C ILE A 322 -19.97 1.69 -4.31
N SER A 323 -20.30 0.48 -4.76
CA SER A 323 -19.36 -0.64 -4.78
C SER A 323 -19.26 -1.22 -6.18
N VAL A 324 -18.27 -2.07 -6.40
CA VAL A 324 -18.04 -2.68 -7.71
C VAL A 324 -19.10 -3.75 -8.02
N GLN A 325 -19.65 -4.37 -6.98
CA GLN A 325 -20.69 -5.38 -7.15
C GLN A 325 -22.00 -4.74 -7.65
N ASP A 326 -22.26 -3.51 -7.21
CA ASP A 326 -23.48 -2.79 -7.60
C ASP A 326 -23.56 -2.61 -9.11
N ILE A 327 -22.46 -2.18 -9.72
CA ILE A 327 -22.40 -2.00 -11.18
C ILE A 327 -22.21 -3.32 -11.94
N GLY A 328 -22.03 -4.42 -11.21
CA GLY A 328 -22.05 -5.77 -11.79
C GLY A 328 -20.71 -6.47 -11.90
N ILE A 329 -19.67 -5.92 -11.27
CA ILE A 329 -18.32 -6.50 -11.34
C ILE A 329 -18.12 -7.49 -10.19
N ASP A 330 -17.54 -8.64 -10.52
CA ASP A 330 -17.50 -9.80 -9.61
C ASP A 330 -16.51 -9.72 -8.44
N ASN A 331 -15.55 -8.78 -8.52
CA ASN A 331 -14.53 -8.60 -7.47
C ASN A 331 -13.59 -9.80 -7.32
N LEU A 332 -13.46 -10.58 -8.40
CA LEU A 332 -12.61 -11.77 -8.42
C LEU A 332 -11.37 -11.48 -9.25
N THR A 333 -10.19 -11.72 -8.67
CA THR A 333 -8.94 -11.39 -9.36
C THR A 333 -7.71 -12.05 -8.73
N ALA A 334 -6.68 -12.24 -9.55
CA ALA A 334 -5.38 -12.77 -9.13
C ALA A 334 -4.68 -11.91 -8.09
N ALA A 335 -5.03 -10.63 -8.03
CA ALA A 335 -4.55 -9.74 -6.99
C ALA A 335 -5.37 -9.92 -5.71
N ASP A 336 -5.01 -10.93 -4.92
CA ASP A 336 -5.72 -11.23 -3.67
C ASP A 336 -5.72 -10.04 -2.72
N GLY A 337 -4.61 -9.30 -2.66
CA GLY A 337 -4.50 -8.12 -1.80
C GLY A 337 -5.31 -6.93 -2.25
N LEU A 338 -5.52 -6.81 -3.57
CA LEU A 338 -6.29 -5.71 -4.14
C LEU A 338 -7.78 -6.03 -4.33
N ALA A 339 -8.17 -7.27 -4.05
CA ALA A 339 -9.56 -7.71 -4.26
C ALA A 339 -10.49 -7.10 -3.20
N VAL A 340 -10.78 -5.81 -3.36
CA VAL A 340 -11.62 -5.08 -2.42
C VAL A 340 -12.73 -4.39 -3.22
N GLY A 341 -13.98 -4.69 -2.87
CA GLY A 341 -15.15 -4.23 -3.62
C GLY A 341 -15.61 -2.82 -3.31
N ARG A 342 -15.38 -2.36 -2.08
CA ARG A 342 -15.81 -1.03 -1.66
C ARG A 342 -14.64 -0.25 -1.06
N ALA A 343 -14.57 1.04 -1.40
CA ALA A 343 -13.49 1.91 -0.92
C ALA A 343 -13.62 2.21 0.56
N SER A 344 -12.55 2.77 1.14
CA SER A 344 -12.53 3.15 2.55
C SER A 344 -13.45 4.34 2.79
N GLY A 345 -13.63 5.15 1.75
CA GLY A 345 -14.46 6.34 1.82
C GLY A 345 -13.62 7.54 2.19
N PHE A 346 -13.17 7.58 3.44
CA PHE A 346 -12.39 8.70 3.95
C PHE A 346 -11.09 8.90 3.16
N VAL A 347 -10.48 7.79 2.72
CA VAL A 347 -9.26 7.87 1.92
C VAL A 347 -9.52 8.58 0.59
N GLY A 348 -10.70 8.32 0.00
CA GLY A 348 -11.09 8.97 -1.24
C GLY A 348 -11.28 10.47 -1.08
N ARG A 349 -12.12 10.86 -0.12
CA ARG A 349 -12.37 12.27 0.15
C ARG A 349 -11.13 12.99 0.69
N ALA A 350 -10.29 12.27 1.44
CA ALA A 350 -9.09 12.85 2.02
C ALA A 350 -7.99 13.08 1.00
N MET A 351 -7.76 12.12 0.12
CA MET A 351 -6.57 12.14 -0.76
C MET A 351 -6.81 12.47 -2.22
N GLU A 352 -8.06 12.37 -2.70
CA GLU A 352 -8.36 12.58 -4.14
C GLU A 352 -7.62 13.76 -4.76
N ARG A 353 -7.58 14.89 -4.07
CA ARG A 353 -6.93 16.10 -4.57
C ARG A 353 -5.43 15.94 -4.74
N LEU A 354 -4.84 15.08 -3.91
CA LEU A 354 -3.41 14.79 -3.97
C LEU A 354 -3.08 13.58 -4.85
N LEU A 355 -4.06 13.10 -5.61
CA LEU A 355 -3.85 12.05 -6.60
C LEU A 355 -3.96 12.62 -8.00
N ASP A 356 -2.89 12.50 -8.78
CA ASP A 356 -2.86 12.95 -10.17
C ASP A 356 -3.71 12.07 -11.08
N GLY A 357 -3.96 10.83 -10.68
CA GLY A 357 -4.82 9.94 -11.46
C GLY A 357 -5.05 8.57 -10.84
N LEU A 358 -5.90 7.78 -11.48
CA LEU A 358 -6.17 6.40 -11.09
C LEU A 358 -6.36 5.56 -12.33
N TYR A 359 -5.87 4.32 -12.33
CA TYR A 359 -5.99 3.44 -13.49
C TYR A 359 -6.20 1.99 -13.11
N THR A 360 -6.69 1.22 -14.08
CA THR A 360 -6.90 -0.21 -13.92
C THR A 360 -6.04 -1.01 -14.89
N LEU A 361 -5.88 -2.30 -14.60
CA LEU A 361 -5.17 -3.22 -15.48
C LEU A 361 -5.71 -4.62 -15.22
N ASP A 362 -5.81 -5.44 -16.26
CA ASP A 362 -6.37 -6.79 -16.12
C ASP A 362 -5.31 -7.78 -15.65
N ASP A 363 -5.78 -8.88 -15.06
CA ASP A 363 -4.91 -9.90 -14.44
C ASP A 363 -3.76 -10.36 -15.32
N GLN A 364 -4.00 -10.48 -16.62
CA GLN A 364 -2.96 -10.94 -17.55
C GLN A 364 -1.79 -9.96 -17.62
N THR A 365 -2.08 -8.66 -17.54
CA THR A 365 -1.03 -7.64 -17.58
C THR A 365 -0.12 -7.72 -16.35
N MET A 366 -0.72 -7.97 -15.18
CA MET A 366 0.04 -8.16 -13.95
C MET A 366 0.90 -9.41 -14.05
N TYR A 367 0.27 -10.53 -14.44
CA TYR A 367 0.96 -11.81 -14.54
C TYR A 367 2.16 -11.77 -15.49
N ASP A 368 1.99 -11.12 -16.64
CA ASP A 368 3.05 -11.03 -17.63
C ASP A 368 4.21 -10.15 -17.14
N MET A 369 3.90 -8.99 -16.59
CA MET A 369 4.93 -8.10 -16.01
C MET A 369 5.65 -8.74 -14.82
N LEU A 370 4.92 -9.52 -14.03
CA LEU A 370 5.49 -10.23 -12.88
C LEU A 370 6.63 -11.16 -13.33
N GLY A 371 6.44 -11.78 -14.50
CA GLY A 371 7.43 -12.68 -15.08
C GLY A 371 8.61 -11.94 -15.68
N TRP A 372 8.32 -10.84 -16.38
CA TRP A 372 9.38 -10.04 -17.02
C TRP A 372 10.26 -9.37 -15.97
N LEU A 373 9.69 -8.99 -14.84
CA LEU A 373 10.45 -8.43 -13.72
C LEU A 373 11.43 -9.46 -13.17
N ALA A 374 10.98 -10.71 -13.10
CA ALA A 374 11.83 -11.81 -12.67
C ALA A 374 12.97 -12.02 -13.68
N GLN A 375 12.64 -11.94 -14.97
CA GLN A 375 13.61 -12.14 -16.04
C GLN A 375 14.65 -11.01 -16.11
N GLU A 376 14.17 -9.77 -16.13
CA GLU A 376 15.02 -8.62 -16.39
C GLU A 376 15.79 -8.14 -15.16
N GLU A 377 15.23 -8.34 -13.96
CA GLU A 377 15.84 -7.84 -12.72
C GLU A 377 16.13 -8.88 -11.63
N GLY A 378 15.57 -10.09 -11.75
CA GLY A 378 15.75 -11.12 -10.73
C GLY A 378 15.02 -10.80 -9.44
N ILE A 379 13.83 -10.20 -9.57
CA ILE A 379 12.99 -9.85 -8.44
C ILE A 379 11.66 -10.58 -8.58
N ARG A 380 11.23 -11.25 -7.51
CA ARG A 380 10.00 -12.04 -7.52
C ARG A 380 8.95 -11.41 -6.62
N LEU A 381 7.79 -11.09 -7.20
CA LEU A 381 6.68 -10.45 -6.50
C LEU A 381 5.40 -11.26 -6.65
N GLU A 382 4.40 -10.93 -5.85
CA GLU A 382 3.05 -11.49 -6.01
C GLU A 382 2.25 -10.59 -6.96
N PRO A 383 1.22 -11.13 -7.64
CA PRO A 383 0.48 -10.39 -8.67
C PRO A 383 0.07 -8.97 -8.27
N SER A 384 -0.41 -8.78 -7.04
CA SER A 384 -0.87 -7.47 -6.56
C SER A 384 0.22 -6.39 -6.65
N ALA A 385 1.47 -6.78 -6.47
CA ALA A 385 2.58 -5.84 -6.49
C ALA A 385 2.84 -5.22 -7.87
N LEU A 386 2.43 -5.91 -8.93
CA LEU A 386 2.64 -5.44 -10.31
C LEU A 386 1.61 -4.40 -10.82
N ALA A 387 0.76 -3.89 -9.93
CA ALA A 387 -0.25 -2.92 -10.33
C ALA A 387 0.37 -1.59 -10.75
N GLY A 388 1.37 -1.14 -9.99
CA GLY A 388 2.05 0.12 -10.25
C GLY A 388 2.94 0.09 -11.47
N MET A 389 3.39 -1.11 -11.84
CA MET A 389 4.32 -1.30 -12.97
C MET A 389 3.76 -0.81 -14.31
N ALA A 390 2.44 -0.87 -14.48
CA ALA A 390 1.79 -0.43 -15.71
C ALA A 390 1.70 1.10 -15.82
N GLY A 391 1.78 1.79 -14.69
CA GLY A 391 1.57 3.24 -14.63
C GLY A 391 2.46 4.11 -15.50
N PRO A 392 3.79 3.93 -15.42
CA PRO A 392 4.75 4.75 -16.14
C PRO A 392 4.40 5.02 -17.61
N GLN A 393 4.15 3.95 -18.36
CA GLN A 393 3.83 4.08 -19.78
C GLN A 393 2.47 4.76 -20.01
N ARG A 394 1.56 4.65 -19.05
CA ARG A 394 0.27 5.31 -19.17
C ARG A 394 0.36 6.81 -18.89
N ILE A 395 1.28 7.21 -18.01
CA ILE A 395 1.57 8.63 -17.80
C ILE A 395 2.30 9.21 -19.01
N CYS A 396 3.30 8.48 -19.50
CA CYS A 396 4.08 8.92 -20.67
C CYS A 396 3.26 8.95 -21.97
N ALA A 397 2.22 8.13 -22.06
CA ALA A 397 1.36 8.10 -23.24
C ALA A 397 0.42 9.31 -23.32
N SER A 398 -0.08 9.74 -22.17
CA SER A 398 -1.10 10.79 -22.10
C SER A 398 -0.53 12.20 -22.28
N VAL A 399 -0.78 12.80 -23.45
CA VAL A 399 -0.42 14.20 -23.69
C VAL A 399 -1.44 15.15 -23.07
N ALA A 400 -2.61 14.63 -22.72
CA ALA A 400 -3.62 15.38 -21.96
C ALA A 400 -3.14 15.63 -20.54
N TYR A 401 -2.63 14.60 -19.88
CA TYR A 401 -2.07 14.72 -18.53
C TYR A 401 -0.85 15.64 -18.50
N GLN A 402 0.04 15.46 -19.47
CA GLN A 402 1.27 16.25 -19.53
C GLN A 402 1.01 17.73 -19.79
N GLN A 403 0.00 18.03 -20.62
CA GLN A 403 -0.44 19.41 -20.85
C GLN A 403 -1.23 19.95 -19.66
N ARG A 404 -2.01 19.09 -19.01
CA ARG A 404 -2.80 19.47 -17.84
C ARG A 404 -1.92 19.90 -16.66
N HIS A 405 -0.76 19.26 -16.51
CA HIS A 405 0.19 19.57 -15.42
C HIS A 405 1.44 20.32 -15.89
N GLY A 406 1.36 20.94 -17.07
CA GLY A 406 2.45 21.78 -17.59
C GLY A 406 3.82 21.12 -17.67
N PHE A 407 3.84 19.84 -18.05
CA PHE A 407 5.09 19.10 -18.16
C PHE A 407 5.73 19.30 -19.52
N SER A 408 6.98 19.75 -19.53
CA SER A 408 7.77 19.82 -20.76
C SER A 408 8.31 18.42 -21.08
N GLN A 409 8.83 18.27 -22.29
CA GLN A 409 9.36 16.98 -22.74
C GLN A 409 10.71 16.70 -22.06
N THR A 410 11.45 17.77 -21.76
CA THR A 410 12.75 17.67 -21.10
C THR A 410 12.58 17.31 -19.62
N GLN A 411 11.57 17.87 -18.98
CA GLN A 411 11.24 17.52 -17.59
C GLN A 411 10.88 16.04 -17.46
N LEU A 412 10.04 15.55 -18.37
CA LEU A 412 9.72 14.13 -18.45
C LEU A 412 10.97 13.26 -18.57
N GLY A 413 11.92 13.71 -19.38
CA GLY A 413 13.18 12.99 -19.59
C GLY A 413 14.07 12.90 -18.36
N ASN A 414 13.94 13.86 -17.45
CA ASN A 414 14.69 13.85 -16.20
C ASN A 414 13.84 13.40 -15.01
N ALA A 415 12.68 12.80 -15.29
CA ALA A 415 11.75 12.38 -14.25
C ALA A 415 12.18 11.08 -13.60
N THR A 416 11.60 10.79 -12.44
CA THR A 416 11.75 9.49 -11.79
C THR A 416 10.40 8.80 -11.68
N HIS A 417 10.29 7.61 -12.28
CA HIS A 417 9.07 6.81 -12.21
C HIS A 417 9.25 5.72 -11.15
N LEU A 418 8.58 5.89 -10.02
CA LEU A 418 8.76 4.99 -8.87
C LEU A 418 7.59 4.03 -8.71
N VAL A 419 7.78 2.79 -9.15
CA VAL A 419 6.79 1.73 -8.95
C VAL A 419 6.92 1.16 -7.55
N TRP A 420 5.78 1.04 -6.86
CA TRP A 420 5.77 0.62 -5.46
C TRP A 420 5.31 -0.83 -5.32
N ALA A 421 6.28 -1.73 -5.13
CA ALA A 421 5.97 -3.15 -4.90
C ALA A 421 5.53 -3.35 -3.45
N THR A 422 4.43 -4.09 -3.27
CA THR A 422 3.76 -4.20 -1.97
C THR A 422 3.70 -5.60 -1.37
N GLY A 423 4.27 -6.59 -2.05
CA GLY A 423 4.25 -7.97 -1.52
C GLY A 423 4.97 -8.98 -2.40
N GLY A 424 5.52 -10.01 -1.77
CA GLY A 424 6.25 -11.06 -2.50
C GLY A 424 7.37 -11.75 -1.72
N GLY A 425 8.05 -10.99 -0.86
CA GLY A 425 9.23 -11.48 -0.15
C GLY A 425 9.07 -12.75 0.67
N MET A 426 7.90 -12.95 1.26
CA MET A 426 7.64 -14.11 2.11
C MET A 426 6.84 -15.23 1.41
N VAL A 427 6.35 -14.95 0.20
CA VAL A 427 5.63 -15.96 -0.57
C VAL A 427 6.55 -17.14 -0.87
N PRO A 428 6.20 -18.37 -0.42
CA PRO A 428 7.09 -19.53 -0.65
C PRO A 428 7.22 -19.91 -2.13
N GLU A 429 8.16 -20.81 -2.41
CA GLU A 429 8.47 -21.22 -3.78
C GLU A 429 7.24 -21.77 -4.50
N ASP A 430 6.59 -22.76 -3.89
CA ASP A 430 5.42 -23.40 -4.49
C ASP A 430 4.41 -22.38 -5.03
N GLU A 431 4.10 -21.38 -4.22
CA GLU A 431 3.15 -20.34 -4.61
C GLU A 431 3.71 -19.42 -5.69
N MET A 432 5.00 -19.09 -5.59
CA MET A 432 5.66 -18.24 -6.58
C MET A 432 5.79 -18.94 -7.93
N GLU A 433 5.98 -20.25 -7.90
CA GLU A 433 5.99 -21.06 -9.13
C GLU A 433 4.61 -21.03 -9.80
N GLN A 434 3.56 -20.97 -8.99
CA GLN A 434 2.20 -20.83 -9.48
C GLN A 434 2.00 -19.49 -10.19
N TYR A 435 2.53 -18.42 -9.60
CA TYR A 435 2.43 -17.08 -10.18
C TYR A 435 3.20 -16.93 -11.50
N LEU A 436 4.30 -17.65 -11.63
CA LEU A 436 5.19 -17.50 -12.81
C LEU A 436 4.74 -18.29 -14.03
N ALA A 437 3.80 -19.22 -13.86
CA ALA A 437 3.40 -20.12 -14.95
C ALA A 437 2.22 -19.61 -15.79
N LYS A 438 1.96 -18.30 -15.75
CA LYS A 438 0.76 -17.72 -16.38
C LYS A 438 1.05 -16.82 -17.59
N GLY A 439 2.27 -16.30 -17.70
CA GLY A 439 2.63 -15.39 -18.80
C GLY A 439 3.31 -16.06 -19.98
#